data_6EJH
#
_entry.id   6EJH
#
_cell.length_a   104.700
_cell.length_b   104.700
_cell.length_c   160.210
_cell.angle_alpha   90.00
_cell.angle_beta   90.00
_cell.angle_gamma   120.00
#
_symmetry.space_group_name_H-M   'H 3'
#
loop_
_entity.id
_entity.type
_entity.pdbx_description
1 polymer 'Ammonium transporter'
2 water water
#
_entity_poly.entity_id   1
_entity_poly.type   'polypeptide(L)'
_entity_poly.pdbx_seq_one_letter_code
;MSGQFTGTGTGGDVFKVDLNEQFDRADMVWIGTASVLVWIMIPGVGLLYSGISRKKHALSLMWAALMAACVAAFQWFWWG
YSLVFAHNGSVFLGTLQNFCLKDVLGAPSIVKTVPDILFCLYQGMFAAVTAILMAGAGCERARLGPMMVFLFIWLTVVYC
PIAYWTWGGNGWLVSLGALDFAGGGPVHENSGFAALAYSLWLGKRHDPVAKGKVPKYKPHSVSSIVMGTIFLWFGWYGFN
GGSTGNSSMRSWYACVNTNLAAATGGLTWMLVDWFRTGGKWSTVGLCMGAIAGLVGITPAAGYVPVYTSVIFGIVPAIIC
NFAVDLKDLLQIDDGMDVWALHCVGGFVGNFMTGLFAADYVAMIDGTEIDGGWMNHHWKQLGYQLAGSCAVAAWSFTVTS
IILLAMDRIPFLRIRLHEDEEMLGTDLAQIGEYAYYADDDPETNPYVLEPIRSTTISQPLPHIDGVADGSSNNDSGEAKN
HHHHHH
;
_entity_poly.pdbx_strand_id   A
#
# COMPACT_ATOMS: atom_id res chain seq x y z
N MET A 1 23.70 -33.96 -9.53
CA MET A 1 24.28 -32.71 -10.03
C MET A 1 24.30 -32.66 -11.55
N SER A 2 23.18 -32.88 -12.23
CA SER A 2 23.21 -32.55 -13.66
C SER A 2 22.99 -31.07 -13.90
N GLY A 3 22.33 -30.38 -12.98
CA GLY A 3 22.25 -28.95 -13.05
C GLY A 3 21.33 -28.37 -14.11
N GLN A 4 20.70 -29.20 -14.96
CA GLN A 4 19.73 -28.71 -15.94
C GLN A 4 18.53 -28.09 -15.21
N PHE A 5 17.61 -27.48 -15.97
CA PHE A 5 16.59 -26.65 -15.33
C PHE A 5 15.58 -27.54 -14.60
N THR A 6 15.41 -27.30 -13.31
CA THR A 6 14.54 -28.08 -12.46
C THR A 6 13.23 -27.37 -12.13
N GLY A 7 13.20 -26.05 -12.33
CA GLY A 7 12.10 -25.24 -11.83
C GLY A 7 12.02 -25.12 -10.31
N THR A 8 12.98 -25.65 -9.57
CA THR A 8 12.99 -25.65 -8.11
C THR A 8 14.34 -25.14 -7.62
N GLY A 9 14.43 -24.86 -6.32
CA GLY A 9 15.70 -24.43 -5.76
C GLY A 9 16.24 -23.20 -6.46
N THR A 10 17.55 -23.20 -6.68
CA THR A 10 18.20 -22.13 -7.47
C THR A 10 17.84 -22.17 -8.95
N GLY A 11 17.16 -23.22 -9.42
CA GLY A 11 16.81 -23.36 -10.83
C GLY A 11 17.82 -24.12 -11.68
N GLY A 12 19.00 -24.38 -11.15
CA GLY A 12 20.05 -25.11 -11.84
C GLY A 12 21.40 -24.61 -11.40
N ASP A 13 22.44 -25.29 -11.88
CA ASP A 13 23.82 -25.01 -11.53
C ASP A 13 24.41 -24.01 -12.53
N VAL A 14 24.80 -22.80 -12.06
CA VAL A 14 25.30 -21.75 -12.96
C VAL A 14 26.53 -22.19 -13.73
N PHE A 15 27.32 -23.17 -13.21
CA PHE A 15 28.50 -23.65 -13.91
C PHE A 15 28.15 -24.61 -15.04
N LYS A 16 26.89 -25.04 -15.13
CA LYS A 16 26.51 -26.05 -16.11
C LYS A 16 25.46 -25.57 -17.09
N VAL A 17 24.63 -24.60 -16.69
CA VAL A 17 23.55 -24.08 -17.51
C VAL A 17 23.56 -22.57 -17.39
N ASP A 18 22.95 -21.91 -18.39
CA ASP A 18 22.67 -20.49 -18.35
C ASP A 18 21.22 -20.34 -17.90
N LEU A 19 21.02 -19.95 -16.62
CA LEU A 19 19.67 -19.82 -16.08
C LEU A 19 18.84 -18.78 -16.83
N ASN A 20 19.50 -17.80 -17.48
CA ASN A 20 18.79 -16.73 -18.16
C ASN A 20 18.04 -17.24 -19.38
N GLU A 21 18.40 -18.43 -19.87
CA GLU A 21 17.79 -18.99 -21.08
C GLU A 21 16.32 -19.31 -20.89
N GLN A 22 15.87 -19.46 -19.65
CA GLN A 22 14.49 -19.77 -19.32
C GLN A 22 13.55 -18.57 -19.48
N PHE A 23 14.08 -17.38 -19.64
CA PHE A 23 13.30 -16.15 -19.56
C PHE A 23 13.55 -15.28 -20.78
N ASP A 24 12.52 -14.54 -21.17
CA ASP A 24 12.66 -13.52 -22.19
C ASP A 24 13.37 -12.34 -21.56
N ARG A 25 14.49 -11.94 -22.13
CA ARG A 25 15.27 -10.88 -21.48
C ARG A 25 14.46 -9.58 -21.41
N ALA A 26 13.58 -9.32 -22.38
CA ALA A 26 12.82 -8.07 -22.31
C ALA A 26 11.80 -8.09 -21.18
N ASP A 27 11.20 -9.26 -20.91
CA ASP A 27 10.36 -9.38 -19.72
C ASP A 27 11.15 -8.97 -18.48
N MET A 28 12.40 -9.51 -18.37
CA MET A 28 13.17 -9.24 -17.15
C MET A 28 13.46 -7.75 -17.05
N VAL A 29 13.85 -7.12 -18.16
CA VAL A 29 14.20 -5.69 -18.11
C VAL A 29 12.99 -4.84 -17.66
N TRP A 30 11.80 -5.12 -18.19
CA TRP A 30 10.66 -4.34 -17.77
C TRP A 30 10.39 -4.55 -16.27
N ILE A 31 10.50 -5.78 -15.78
CA ILE A 31 10.15 -5.96 -14.34
C ILE A 31 11.24 -5.37 -13.47
N GLY A 32 12.51 -5.39 -13.93
CA GLY A 32 13.56 -4.68 -13.20
C GLY A 32 13.31 -3.19 -13.14
N THR A 33 12.93 -2.60 -14.27
CA THR A 33 12.63 -1.17 -14.31
C THR A 33 11.44 -0.86 -13.45
N ALA A 34 10.39 -1.69 -13.57
CA ALA A 34 9.20 -1.43 -12.77
C ALA A 34 9.51 -1.52 -11.28
N SER A 35 10.45 -2.38 -10.88
CA SER A 35 10.85 -2.43 -9.47
C SER A 35 11.41 -1.10 -9.00
N VAL A 36 12.29 -0.50 -9.80
CA VAL A 36 12.86 0.81 -9.48
C VAL A 36 11.74 1.85 -9.38
N LEU A 37 10.75 1.78 -10.26
CA LEU A 37 9.63 2.72 -10.21
CA LEU A 37 9.64 2.74 -10.20
C LEU A 37 8.82 2.53 -8.93
N VAL A 38 8.55 1.29 -8.52
CA VAL A 38 7.74 1.13 -7.31
C VAL A 38 8.53 1.66 -6.11
N TRP A 39 9.86 1.54 -6.16
CA TRP A 39 10.65 1.99 -5.01
C TRP A 39 10.37 3.47 -4.72
N ILE A 40 10.30 4.31 -5.76
CA ILE A 40 10.10 5.74 -5.48
C ILE A 40 8.69 6.04 -4.98
N MET A 41 7.74 5.08 -5.09
CA MET A 41 6.44 5.32 -4.47
C MET A 41 6.58 5.35 -2.94
N ILE A 42 7.62 4.75 -2.38
CA ILE A 42 7.76 4.71 -0.92
C ILE A 42 7.88 6.14 -0.37
N PRO A 43 8.85 6.96 -0.82
CA PRO A 43 8.83 8.37 -0.39
C PRO A 43 7.64 9.13 -0.93
N GLY A 44 7.01 8.68 -2.04
CA GLY A 44 5.79 9.33 -2.47
C GLY A 44 4.71 9.26 -1.40
N VAL A 45 4.49 8.06 -0.82
CA VAL A 45 3.53 7.95 0.27
C VAL A 45 3.89 8.89 1.39
N GLY A 46 5.16 8.88 1.81
CA GLY A 46 5.56 9.76 2.91
C GLY A 46 5.25 11.22 2.65
N LEU A 47 5.62 11.71 1.46
CA LEU A 47 5.36 13.10 1.13
C LEU A 47 3.86 13.40 1.16
N LEU A 48 3.05 12.51 0.59
CA LEU A 48 1.64 12.75 0.44
C LEU A 48 0.99 12.91 1.82
N TYR A 49 1.26 11.95 2.71
CA TYR A 49 0.55 11.96 3.99
C TYR A 49 1.18 12.96 4.95
N SER A 50 2.46 13.26 4.79
CA SER A 50 3.04 14.39 5.52
CA SER A 50 2.99 14.37 5.57
C SER A 50 2.35 15.69 5.13
N GLY A 51 2.12 15.88 3.84
CA GLY A 51 1.60 17.15 3.37
C GLY A 51 0.13 17.37 3.68
N ILE A 52 -0.67 16.30 3.61
CA ILE A 52 -2.12 16.42 3.78
C ILE A 52 -2.50 16.63 5.23
N SER A 53 -1.59 16.33 6.16
CA SER A 53 -1.99 16.29 7.58
C SER A 53 -2.52 17.64 8.07
N ARG A 54 -3.59 17.55 8.85
CA ARG A 54 -4.20 18.70 9.50
C ARG A 54 -3.59 18.95 10.87
N LYS A 55 -2.65 18.11 11.26
CA LYS A 55 -1.97 18.19 12.55
C LYS A 55 -0.48 18.21 12.31
N LYS A 56 0.26 18.91 13.17
CA LYS A 56 1.72 18.87 13.06
C LYS A 56 2.19 17.55 13.67
N HIS A 57 2.60 16.61 12.83
CA HIS A 57 3.20 15.39 13.33
C HIS A 57 4.63 15.66 13.76
N ALA A 58 5.03 15.11 14.90
CA ALA A 58 6.41 15.28 15.34
C ALA A 58 7.38 14.50 14.46
N LEU A 59 6.94 13.36 13.96
CA LEU A 59 7.72 12.53 13.04
C LEU A 59 7.45 12.93 11.60
N SER A 60 8.53 13.25 10.88
CA SER A 60 8.43 13.62 9.48
C SER A 60 8.20 12.36 8.62
N LEU A 61 7.05 12.28 7.93
CA LEU A 61 6.79 11.08 7.14
C LEU A 61 7.64 11.00 5.88
N MET A 62 8.12 12.13 5.36
CA MET A 62 9.11 12.07 4.27
CA MET A 62 9.12 12.09 4.29
C MET A 62 10.34 11.29 4.71
N TRP A 63 10.90 11.64 5.87
CA TRP A 63 12.02 10.88 6.44
C TRP A 63 11.60 9.47 6.86
N ALA A 64 10.43 9.31 7.49
CA ALA A 64 9.97 7.97 7.89
C ALA A 64 9.81 7.02 6.71
N ALA A 65 9.61 7.54 5.50
CA ALA A 65 9.55 6.66 4.32
C ALA A 65 10.88 5.94 4.13
N LEU A 66 12.00 6.63 4.37
CA LEU A 66 13.29 5.94 4.27
C LEU A 66 13.43 4.91 5.37
N MET A 67 13.02 5.24 6.59
CA MET A 67 13.06 4.26 7.66
C MET A 67 12.26 3.02 7.27
N ALA A 68 11.09 3.21 6.66
CA ALA A 68 10.24 2.09 6.26
C ALA A 68 10.86 1.29 5.13
N ALA A 69 11.50 1.97 4.18
CA ALA A 69 12.24 1.28 3.13
C ALA A 69 13.31 0.37 3.75
N CYS A 70 13.94 0.82 4.82
CA CYS A 70 14.98 0.01 5.46
C CYS A 70 14.36 -1.18 6.21
N VAL A 71 13.36 -0.92 7.06
CA VAL A 71 12.76 -2.01 7.83
C VAL A 71 12.12 -3.04 6.92
N ALA A 72 11.44 -2.60 5.85
CA ALA A 72 10.74 -3.54 4.97
C ALA A 72 11.72 -4.37 4.18
N ALA A 73 12.79 -3.74 3.70
CA ALA A 73 13.78 -4.52 2.95
C ALA A 73 14.37 -5.60 3.82
N PHE A 74 14.72 -5.26 5.09
CA PHE A 74 15.29 -6.29 5.95
C PHE A 74 14.28 -7.41 6.24
N GLN A 75 13.02 -7.06 6.58
CA GLN A 75 12.00 -8.09 6.84
C GLN A 75 11.78 -9.01 5.65
N TRP A 76 11.76 -8.43 4.45
CA TRP A 76 11.53 -9.22 3.22
C TRP A 76 12.66 -10.23 3.01
N PHE A 77 13.89 -9.77 3.14
CA PHE A 77 15.06 -10.63 3.09
C PHE A 77 14.99 -11.72 4.16
N TRP A 78 14.70 -11.33 5.40
CA TRP A 78 14.74 -12.25 6.52
C TRP A 78 13.72 -13.39 6.33
N TRP A 79 12.44 -13.05 6.14
CA TRP A 79 11.48 -14.15 5.89
C TRP A 79 10.23 -13.69 5.15
N GLY A 80 10.08 -12.38 4.90
CA GLY A 80 8.86 -11.93 4.24
C GLY A 80 8.72 -12.50 2.84
N TYR A 81 9.80 -12.49 2.05
CA TYR A 81 9.69 -13.06 0.71
C TYR A 81 9.30 -14.54 0.80
N SER A 82 9.91 -15.25 1.74
CA SER A 82 9.64 -16.68 1.84
C SER A 82 8.20 -16.96 2.25
N LEU A 83 7.65 -16.17 3.17
CA LEU A 83 6.28 -16.42 3.62
C LEU A 83 5.25 -16.16 2.53
N VAL A 84 5.56 -15.35 1.52
CA VAL A 84 4.62 -15.11 0.43
C VAL A 84 4.93 -15.97 -0.79
N PHE A 85 6.21 -16.14 -1.12
CA PHE A 85 6.55 -16.65 -2.44
C PHE A 85 7.42 -17.88 -2.45
N ALA A 86 7.55 -18.56 -1.32
CA ALA A 86 8.13 -19.89 -1.36
C ALA A 86 7.26 -20.77 -2.27
N HIS A 87 7.90 -21.79 -2.84
CA HIS A 87 7.25 -22.64 -3.82
C HIS A 87 6.58 -23.85 -3.19
N ASN A 88 6.55 -23.94 -1.86
CA ASN A 88 6.01 -25.11 -1.15
C ASN A 88 5.01 -24.69 -0.07
N GLY A 89 4.21 -23.68 -0.32
CA GLY A 89 3.30 -23.19 0.69
C GLY A 89 2.05 -24.04 0.83
N SER A 90 1.29 -23.75 1.89
CA SER A 90 -0.05 -24.29 2.10
C SER A 90 -1.03 -23.47 1.28
N VAL A 91 -2.32 -23.44 1.66
CA VAL A 91 -3.19 -22.47 0.99
C VAL A 91 -3.29 -21.14 1.71
N PHE A 92 -2.81 -21.06 2.97
CA PHE A 92 -2.88 -19.82 3.74
C PHE A 92 -1.54 -19.14 3.98
N LEU A 93 -0.40 -19.81 3.79
CA LEU A 93 0.89 -19.15 4.01
C LEU A 93 1.97 -19.92 3.28
N GLY A 94 3.10 -19.27 3.08
CA GLY A 94 4.29 -19.93 2.60
C GLY A 94 5.04 -20.60 3.74
N THR A 95 6.37 -20.63 3.64
CA THR A 95 7.19 -21.39 4.58
C THR A 95 8.47 -20.60 4.84
N LEU A 96 9.44 -21.22 5.51
CA LEU A 96 10.72 -20.56 5.71
C LEU A 96 11.81 -21.15 4.83
N GLN A 97 11.40 -21.86 3.76
CA GLN A 97 12.33 -22.42 2.77
C GLN A 97 13.33 -21.40 2.22
N ASN A 98 12.91 -20.13 2.09
CA ASN A 98 13.76 -19.10 1.51
C ASN A 98 14.13 -18.05 2.57
N PHE A 99 14.28 -18.48 3.82
CA PHE A 99 14.81 -17.65 4.89
C PHE A 99 16.13 -17.02 4.46
N CYS A 100 16.27 -15.71 4.74
CA CYS A 100 17.43 -14.94 4.31
C CYS A 100 17.76 -15.17 2.82
N LEU A 101 16.71 -15.30 2.00
CA LEU A 101 16.81 -15.48 0.54
C LEU A 101 17.68 -16.68 0.15
N LYS A 102 17.73 -17.69 1.02
CA LYS A 102 18.44 -18.93 0.68
C LYS A 102 17.84 -19.53 -0.60
N ASP A 103 18.70 -19.79 -1.58
CA ASP A 103 18.36 -20.46 -2.82
C ASP A 103 17.39 -19.67 -3.68
N VAL A 104 17.32 -18.36 -3.49
CA VAL A 104 16.50 -17.50 -4.33
C VAL A 104 17.37 -17.04 -5.51
N LEU A 105 17.08 -17.57 -6.69
CA LEU A 105 17.90 -17.24 -7.86
C LEU A 105 17.12 -17.41 -9.16
N GLY A 106 17.39 -18.45 -9.95
CA GLY A 106 16.91 -18.53 -11.31
C GLY A 106 15.77 -19.48 -11.61
N ALA A 107 15.13 -20.11 -10.59
CA ALA A 107 13.91 -20.87 -10.89
C ALA A 107 12.82 -19.89 -11.33
N PRO A 108 11.96 -20.27 -12.29
CA PRO A 108 10.83 -19.40 -12.59
C PRO A 108 10.00 -19.18 -11.33
N SER A 109 9.62 -17.94 -11.08
CA SER A 109 8.89 -17.55 -9.87
C SER A 109 7.43 -17.99 -10.02
N ILE A 110 6.63 -17.77 -8.96
CA ILE A 110 5.18 -17.94 -9.03
C ILE A 110 4.66 -17.28 -10.31
N VAL A 111 5.30 -16.18 -10.73
CA VAL A 111 5.06 -15.58 -12.05
C VAL A 111 6.15 -16.11 -12.98
N LYS A 112 5.79 -17.05 -13.87
CA LYS A 112 6.84 -17.87 -14.46
C LYS A 112 7.70 -17.14 -15.49
N THR A 113 7.31 -15.92 -15.90
CA THR A 113 8.10 -15.18 -16.86
C THR A 113 9.30 -14.47 -16.23
N VAL A 114 9.43 -14.47 -14.91
CA VAL A 114 10.62 -13.85 -14.31
C VAL A 114 11.23 -14.79 -13.26
N PRO A 115 12.55 -14.78 -13.08
CA PRO A 115 13.17 -15.65 -12.07
C PRO A 115 12.86 -15.17 -10.66
N ASP A 116 12.97 -16.11 -9.71
CA ASP A 116 12.75 -15.83 -8.27
C ASP A 116 13.47 -14.54 -7.84
N ILE A 117 14.76 -14.40 -8.19
CA ILE A 117 15.51 -13.26 -7.66
C ILE A 117 14.88 -11.94 -8.11
N LEU A 118 14.45 -11.84 -9.38
CA LEU A 118 13.80 -10.59 -9.86
C LEU A 118 12.39 -10.43 -9.26
N PHE A 119 11.65 -11.54 -9.13
CA PHE A 119 10.33 -11.42 -8.50
C PHE A 119 10.47 -10.97 -7.07
N CYS A 120 11.51 -11.44 -6.39
CA CYS A 120 11.82 -11.00 -5.03
C CYS A 120 12.05 -9.48 -4.97
N LEU A 121 12.90 -8.94 -5.85
CA LEU A 121 13.12 -7.50 -5.97
C LEU A 121 11.81 -6.75 -6.17
N TYR A 122 11.01 -7.18 -7.14
CA TYR A 122 9.81 -6.43 -7.48
C TYR A 122 8.81 -6.48 -6.34
N GLN A 123 8.46 -7.68 -5.90
CA GLN A 123 7.42 -7.81 -4.86
C GLN A 123 7.87 -7.21 -3.54
N GLY A 124 9.14 -7.20 -3.25
CA GLY A 124 9.57 -6.55 -2.02
C GLY A 124 9.22 -5.07 -1.98
N MET A 125 9.18 -4.42 -3.15
CA MET A 125 8.79 -3.01 -3.18
C MET A 125 7.32 -2.83 -2.72
N PHE A 126 6.46 -3.80 -3.04
CA PHE A 126 5.06 -3.70 -2.65
C PHE A 126 4.96 -3.76 -1.14
N ALA A 127 5.77 -4.65 -0.55
CA ALA A 127 5.82 -4.77 0.91
C ALA A 127 6.25 -3.45 1.54
N ALA A 128 7.23 -2.78 0.94
CA ALA A 128 7.72 -1.51 1.45
C ALA A 128 6.70 -0.38 1.30
N VAL A 129 6.00 -0.31 0.15
CA VAL A 129 4.94 0.69 0.02
C VAL A 129 3.90 0.48 1.12
N THR A 130 3.54 -0.78 1.39
CA THR A 130 2.54 -1.03 2.41
C THR A 130 3.09 -0.62 3.78
N ALA A 131 4.38 -0.85 4.01
CA ALA A 131 4.98 -0.43 5.30
C ALA A 131 4.89 1.07 5.52
N ILE A 132 5.18 1.87 4.50
CA ILE A 132 5.08 3.31 4.73
C ILE A 132 3.60 3.75 4.80
N LEU A 133 2.67 3.05 4.13
CA LEU A 133 1.27 3.39 4.35
C LEU A 133 0.90 3.16 5.81
N MET A 134 1.43 2.09 6.41
CA MET A 134 1.12 1.78 7.80
CA MET A 134 1.11 1.78 7.80
C MET A 134 1.82 2.75 8.75
N ALA A 135 3.07 3.09 8.47
CA ALA A 135 3.74 4.07 9.30
C ALA A 135 3.05 5.42 9.18
N GLY A 136 2.57 5.77 7.98
CA GLY A 136 1.84 7.01 7.83
C GLY A 136 0.55 6.99 8.64
N ALA A 137 -0.20 5.89 8.56
CA ALA A 137 -1.45 5.82 9.29
C ALA A 137 -1.21 5.92 10.80
N GLY A 138 -0.14 5.31 11.31
CA GLY A 138 0.09 5.35 12.75
C GLY A 138 1.14 6.32 13.26
N CYS A 139 1.40 7.39 12.50
CA CYS A 139 2.56 8.21 12.81
CA CYS A 139 2.53 8.28 12.73
C CYS A 139 2.32 9.22 13.94
N GLU A 140 1.08 9.56 14.27
CA GLU A 140 0.83 10.61 15.27
C GLU A 140 1.30 10.18 16.67
N ARG A 141 2.21 10.98 17.25
CA ARG A 141 2.88 10.70 18.53
C ARG A 141 3.48 9.30 18.62
N ALA A 142 3.95 8.78 17.48
CA ALA A 142 4.59 7.47 17.48
C ALA A 142 5.98 7.57 18.11
N ARG A 143 6.36 6.52 18.83
CA ARG A 143 7.74 6.29 19.26
C ARG A 143 8.46 5.42 18.23
N LEU A 144 9.67 5.86 17.83
CA LEU A 144 10.30 5.30 16.63
C LEU A 144 10.73 3.86 16.85
N GLY A 145 11.27 3.53 18.03
CA GLY A 145 11.70 2.16 18.24
C GLY A 145 10.55 1.17 18.12
N PRO A 146 9.50 1.41 18.92
CA PRO A 146 8.27 0.58 18.82
C PRO A 146 7.67 0.55 17.43
N MET A 147 7.67 1.68 16.71
CA MET A 147 7.15 1.67 15.34
C MET A 147 7.96 0.71 14.46
N MET A 148 9.29 0.72 14.60
CA MET A 148 10.08 -0.15 13.73
C MET A 148 9.79 -1.61 14.03
N VAL A 149 9.63 -1.94 15.31
CA VAL A 149 9.25 -3.31 15.71
C VAL A 149 7.84 -3.65 15.21
N PHE A 150 6.90 -2.72 15.39
CA PHE A 150 5.55 -2.92 14.88
C PHE A 150 5.56 -3.23 13.38
N LEU A 151 6.28 -2.43 12.58
CA LEU A 151 6.27 -2.66 11.14
C LEU A 151 6.82 -4.05 10.80
N PHE A 152 7.89 -4.47 11.49
CA PHE A 152 8.44 -5.79 11.26
C PHE A 152 7.41 -6.87 11.57
N ILE A 153 6.73 -6.77 12.72
CA ILE A 153 5.73 -7.76 13.09
C ILE A 153 4.53 -7.69 12.15
N TRP A 154 4.07 -6.48 11.85
CA TRP A 154 2.87 -6.32 11.03
C TRP A 154 3.09 -6.86 9.61
N LEU A 155 4.26 -6.59 9.03
CA LEU A 155 4.58 -7.20 7.73
C LEU A 155 4.55 -8.71 7.82
N THR A 156 5.10 -9.27 8.90
CA THR A 156 5.21 -10.72 8.98
C THR A 156 3.84 -11.40 9.15
N VAL A 157 2.96 -10.88 10.00
CA VAL A 157 1.75 -11.61 10.35
C VAL A 157 0.46 -11.04 9.75
N VAL A 158 0.49 -9.82 9.18
CA VAL A 158 -0.66 -9.26 8.49
C VAL A 158 -0.42 -9.21 6.97
N TYR A 159 0.63 -8.48 6.53
CA TYR A 159 0.92 -8.40 5.09
C TYR A 159 1.18 -9.78 4.50
N CYS A 160 2.10 -10.55 5.07
CA CYS A 160 2.53 -11.77 4.38
C CYS A 160 1.40 -12.79 4.20
N PRO A 161 0.52 -13.04 5.17
CA PRO A 161 -0.58 -13.98 4.88
C PRO A 161 -1.51 -13.48 3.78
N ILE A 162 -1.92 -12.21 3.87
CA ILE A 162 -2.84 -11.68 2.89
C ILE A 162 -2.20 -11.70 1.50
N ALA A 163 -0.92 -11.34 1.42
CA ALA A 163 -0.20 -11.44 0.15
C ALA A 163 -0.15 -12.89 -0.34
N TYR A 164 0.06 -13.84 0.57
CA TYR A 164 0.06 -15.21 0.14
C TYR A 164 -1.29 -15.64 -0.41
N TRP A 165 -2.39 -15.24 0.24
CA TRP A 165 -3.70 -15.66 -0.27
C TRP A 165 -3.95 -15.13 -1.68
N THR A 166 -3.41 -13.96 -1.97
CA THR A 166 -3.65 -13.19 -3.18
C THR A 166 -2.76 -13.64 -4.33
N TRP A 167 -1.50 -13.94 -4.01
CA TRP A 167 -0.43 -14.10 -4.99
C TRP A 167 0.30 -15.39 -4.87
N GLY A 168 0.21 -16.09 -3.73
CA GLY A 168 1.07 -17.22 -3.50
C GLY A 168 0.70 -18.40 -4.37
N GLY A 169 1.64 -19.33 -4.48
CA GLY A 169 1.46 -20.44 -5.41
C GLY A 169 0.21 -21.25 -5.17
N ASN A 170 -0.19 -21.40 -3.91
CA ASN A 170 -1.41 -22.12 -3.58
C ASN A 170 -2.45 -21.23 -2.89
N GLY A 171 -2.32 -19.91 -3.01
CA GLY A 171 -3.20 -19.03 -2.27
C GLY A 171 -4.66 -19.31 -2.51
N TRP A 172 -5.43 -19.37 -1.42
CA TRP A 172 -6.82 -19.79 -1.52
C TRP A 172 -7.66 -18.79 -2.30
N LEU A 173 -7.30 -17.48 -2.30
CA LEU A 173 -8.13 -16.54 -3.05
C LEU A 173 -7.91 -16.71 -4.54
N VAL A 174 -6.68 -17.02 -4.94
CA VAL A 174 -6.38 -17.34 -6.34
C VAL A 174 -7.20 -18.53 -6.80
N SER A 175 -7.28 -19.55 -5.94
CA SER A 175 -8.04 -20.76 -6.28
C SER A 175 -9.52 -20.46 -6.40
N LEU A 176 -10.05 -19.61 -5.51
CA LEU A 176 -11.47 -19.29 -5.56
C LEU A 176 -11.85 -18.64 -6.88
N GLY A 177 -10.95 -17.85 -7.45
CA GLY A 177 -11.20 -17.13 -8.69
C GLY A 177 -11.26 -15.63 -8.54
N ALA A 178 -10.96 -15.11 -7.35
CA ALA A 178 -10.92 -13.68 -7.14
C ALA A 178 -9.83 -13.05 -8.00
N LEU A 179 -10.10 -11.85 -8.50
CA LEU A 179 -9.17 -11.12 -9.36
C LEU A 179 -8.56 -9.97 -8.58
N ASP A 180 -7.25 -9.81 -8.67
CA ASP A 180 -6.62 -8.66 -8.03
C ASP A 180 -5.33 -8.40 -8.81
N PHE A 181 -5.44 -7.53 -9.81
CA PHE A 181 -4.35 -7.43 -10.78
C PHE A 181 -3.03 -7.00 -10.14
N ALA A 182 -3.00 -5.87 -9.44
CA ALA A 182 -1.74 -5.33 -8.94
C ALA A 182 -1.71 -5.26 -7.42
N GLY A 183 -2.54 -6.04 -6.77
CA GLY A 183 -2.36 -6.17 -5.33
C GLY A 183 -3.11 -5.14 -4.53
N GLY A 184 -4.31 -4.81 -4.98
CA GLY A 184 -5.13 -3.91 -4.21
C GLY A 184 -5.50 -4.45 -2.84
N GLY A 185 -5.70 -5.77 -2.73
CA GLY A 185 -5.97 -6.40 -1.44
C GLY A 185 -4.80 -6.28 -0.48
N PRO A 186 -3.65 -6.88 -0.83
CA PRO A 186 -2.50 -6.86 0.11
C PRO A 186 -1.94 -5.46 0.37
N VAL A 187 -2.05 -4.52 -0.57
CA VAL A 187 -1.44 -3.20 -0.38
C VAL A 187 -2.50 -2.21 0.14
N HIS A 188 -3.57 -1.99 -0.63
CA HIS A 188 -4.48 -0.86 -0.34
C HIS A 188 -5.56 -1.26 0.67
N GLU A 189 -6.33 -2.31 0.39
CA GLU A 189 -7.38 -2.65 1.36
C GLU A 189 -6.78 -3.02 2.70
N ASN A 190 -5.65 -3.72 2.67
CA ASN A 190 -4.98 -4.21 3.87
C ASN A 190 -4.49 -3.06 4.73
N SER A 191 -3.68 -2.17 4.14
CA SER A 191 -3.20 -1.01 4.87
C SER A 191 -4.35 -0.13 5.34
N GLY A 192 -5.40 -0.01 4.52
CA GLY A 192 -6.55 0.80 4.90
C GLY A 192 -7.31 0.28 6.11
N PHE A 193 -7.59 -1.03 6.17
CA PHE A 193 -8.27 -1.59 7.34
C PHE A 193 -7.36 -1.62 8.55
N ALA A 194 -6.05 -1.79 8.34
CA ALA A 194 -5.12 -1.68 9.46
C ALA A 194 -5.08 -0.25 10.02
N ALA A 195 -5.14 0.73 9.12
CA ALA A 195 -5.24 2.13 9.54
C ALA A 195 -6.47 2.37 10.38
N LEU A 196 -7.60 1.80 9.95
CA LEU A 196 -8.82 1.92 10.72
C LEU A 196 -8.64 1.34 12.12
N ALA A 197 -7.97 0.19 12.24
CA ALA A 197 -7.73 -0.37 13.56
C ALA A 197 -6.91 0.59 14.41
N TYR A 198 -5.91 1.21 13.79
CA TYR A 198 -5.15 2.23 14.51
C TYR A 198 -6.07 3.38 14.93
N SER A 199 -6.85 3.93 13.99
CA SER A 199 -7.73 5.06 14.33
C SER A 199 -8.61 4.76 15.55
N LEU A 200 -9.23 3.58 15.59
CA LEU A 200 -10.24 3.28 16.60
C LEU A 200 -9.66 2.86 17.95
N TRP A 201 -8.45 2.33 17.97
CA TRP A 201 -7.80 1.93 19.21
C TRP A 201 -6.80 2.94 19.74
N LEU A 202 -5.93 3.52 18.90
CA LEU A 202 -4.89 4.44 19.36
C LEU A 202 -5.09 5.89 18.94
N GLY A 203 -5.97 6.17 17.98
CA GLY A 203 -6.17 7.55 17.56
C GLY A 203 -6.80 8.42 18.63
N LYS A 204 -6.52 9.72 18.55
CA LYS A 204 -7.09 10.65 19.51
C LYS A 204 -8.59 10.82 19.24
N ARG A 205 -9.38 10.73 20.31
CA ARG A 205 -10.82 10.93 20.23
C ARG A 205 -11.18 12.39 20.50
N HIS A 206 -12.36 12.79 20.01
CA HIS A 206 -12.81 14.17 20.18
C HIS A 206 -11.71 15.12 19.72
N ASP A 207 -11.14 14.79 18.58
CA ASP A 207 -9.96 15.50 18.12
C ASP A 207 -10.35 16.91 17.69
N PRO A 208 -9.70 17.96 18.23
CA PRO A 208 -10.01 19.33 17.81
C PRO A 208 -10.02 19.58 16.30
N VAL A 209 -9.22 18.85 15.52
CA VAL A 209 -9.24 19.09 14.08
C VAL A 209 -10.38 18.39 13.37
N ALA A 210 -11.16 17.56 14.09
CA ALA A 210 -12.26 16.84 13.45
C ALA A 210 -13.57 17.08 14.17
N LYS A 211 -13.69 18.16 14.93
CA LYS A 211 -14.83 18.36 15.83
C LYS A 211 -15.42 19.74 15.58
N GLY A 212 -16.74 19.82 15.43
CA GLY A 212 -17.38 21.11 15.19
C GLY A 212 -17.18 21.61 13.76
N LYS A 213 -17.29 22.94 13.62
CA LYS A 213 -17.10 23.59 12.32
C LYS A 213 -15.58 23.72 12.10
N VAL A 214 -14.99 22.68 11.52
CA VAL A 214 -13.56 22.69 11.23
C VAL A 214 -13.36 22.44 9.74
N PRO A 215 -12.30 22.97 9.14
CA PRO A 215 -12.07 22.70 7.72
C PRO A 215 -11.76 21.24 7.42
N LYS A 216 -12.40 20.74 6.36
CA LYS A 216 -12.12 19.40 5.87
C LYS A 216 -10.69 19.27 5.36
N TYR A 217 -10.21 20.30 4.67
CA TYR A 217 -8.86 20.35 4.12
C TYR A 217 -8.12 21.47 4.83
N LYS A 218 -6.96 21.14 5.40
CA LYS A 218 -6.16 22.12 6.12
C LYS A 218 -4.75 21.60 6.12
N PRO A 219 -4.08 21.60 4.97
CA PRO A 219 -2.85 20.81 4.81
C PRO A 219 -1.62 21.44 5.47
N HIS A 220 -0.72 20.56 5.90
CA HIS A 220 0.58 20.96 6.43
C HIS A 220 1.46 21.58 5.36
N SER A 221 1.47 20.97 4.17
CA SER A 221 2.35 21.38 3.08
C SER A 221 1.74 20.95 1.75
N VAL A 222 1.20 21.92 1.02
CA VAL A 222 0.69 21.60 -0.31
C VAL A 222 1.81 21.13 -1.23
N SER A 223 3.01 21.69 -1.12
CA SER A 223 4.07 21.26 -2.03
C SER A 223 4.47 19.81 -1.75
N SER A 224 4.36 19.39 -0.49
CA SER A 224 4.59 17.99 -0.16
CA SER A 224 4.59 17.99 -0.16
C SER A 224 3.50 17.10 -0.75
N ILE A 225 2.23 17.52 -0.63
CA ILE A 225 1.15 16.74 -1.25
C ILE A 225 1.43 16.56 -2.73
N VAL A 226 1.80 17.65 -3.40
CA VAL A 226 2.00 17.60 -4.84
C VAL A 226 3.22 16.75 -5.18
N MET A 227 4.34 16.95 -4.50
CA MET A 227 5.51 16.13 -4.82
C MET A 227 5.22 14.64 -4.57
N GLY A 228 4.49 14.33 -3.48
CA GLY A 228 4.15 12.94 -3.24
C GLY A 228 3.26 12.38 -4.34
N THR A 229 2.26 13.16 -4.78
CA THR A 229 1.39 12.71 -5.85
C THR A 229 2.18 12.48 -7.14
N ILE A 230 3.16 13.32 -7.39
CA ILE A 230 4.02 13.16 -8.58
C ILE A 230 4.77 11.84 -8.51
N PHE A 231 5.47 11.61 -7.38
CA PHE A 231 6.22 10.34 -7.27
C PHE A 231 5.29 9.13 -7.33
N LEU A 232 4.11 9.22 -6.69
CA LEU A 232 3.16 8.10 -6.69
C LEU A 232 2.66 7.79 -8.10
N TRP A 233 2.28 8.83 -8.87
CA TRP A 233 1.71 8.58 -10.21
C TRP A 233 2.80 8.08 -11.16
N PHE A 234 3.99 8.65 -11.05
CA PHE A 234 5.17 8.20 -11.82
C PHE A 234 5.49 6.75 -11.49
N GLY A 235 5.56 6.43 -10.20
CA GLY A 235 5.92 5.05 -9.82
C GLY A 235 4.83 4.07 -10.13
N TRP A 236 3.57 4.53 -10.12
CA TRP A 236 2.44 3.58 -10.32
C TRP A 236 2.47 2.94 -11.68
N TYR A 237 3.18 3.54 -12.64
CA TYR A 237 3.34 2.84 -13.92
C TYR A 237 4.10 1.51 -13.75
N GLY A 238 5.05 1.47 -12.81
CA GLY A 238 5.71 0.20 -12.47
C GLY A 238 4.82 -0.70 -11.62
N PHE A 239 4.10 -0.08 -10.65
CA PHE A 239 3.22 -0.84 -9.77
C PHE A 239 2.17 -1.61 -10.57
N ASN A 240 1.46 -0.90 -11.45
CA ASN A 240 0.43 -1.59 -12.26
C ASN A 240 1.04 -2.19 -13.54
N GLY A 241 1.93 -1.46 -14.21
CA GLY A 241 2.44 -1.92 -15.50
C GLY A 241 3.29 -3.18 -15.37
N GLY A 242 3.99 -3.31 -14.25
CA GLY A 242 4.79 -4.51 -14.01
C GLY A 242 4.00 -5.70 -13.51
N SER A 243 2.74 -5.52 -13.18
CA SER A 243 2.01 -6.63 -12.57
C SER A 243 1.54 -7.67 -13.58
N THR A 244 1.86 -7.49 -14.86
CA THR A 244 1.75 -8.57 -15.84
C THR A 244 2.87 -9.57 -15.70
N GLY A 245 4.00 -9.15 -15.15
CA GLY A 245 5.22 -9.95 -15.18
C GLY A 245 5.90 -10.07 -16.52
N ASN A 246 5.57 -9.21 -17.49
CA ASN A 246 6.14 -9.44 -18.82
C ASN A 246 6.22 -8.12 -19.59
N SER A 247 6.77 -8.20 -20.80
CA SER A 247 6.97 -7.06 -21.69
C SER A 247 5.88 -7.00 -22.76
N SER A 248 4.78 -7.73 -22.56
CA SER A 248 3.71 -7.73 -23.55
C SER A 248 2.98 -6.39 -23.58
N MET A 249 2.08 -6.26 -24.55
CA MET A 249 1.33 -5.00 -24.61
C MET A 249 0.20 -4.95 -23.60
N ARG A 250 -0.03 -6.04 -22.85
CA ARG A 250 -0.94 -5.89 -21.70
C ARG A 250 -0.32 -4.98 -20.64
N SER A 251 1.01 -4.96 -20.54
CA SER A 251 1.66 -4.03 -19.62
C SER A 251 1.34 -2.59 -20.00
N TRP A 252 1.40 -2.27 -21.30
CA TRP A 252 1.17 -0.89 -21.71
C TRP A 252 -0.30 -0.54 -21.62
N TYR A 253 -1.18 -1.52 -21.93
CA TYR A 253 -2.61 -1.33 -21.74
C TYR A 253 -2.93 -0.99 -20.29
N ALA A 254 -2.30 -1.71 -19.35
CA ALA A 254 -2.46 -1.41 -17.92
C ALA A 254 -1.99 0.02 -17.58
N CYS A 255 -0.91 0.49 -18.22
CA CYS A 255 -0.43 1.86 -18.02
C CYS A 255 -1.42 2.90 -18.53
N VAL A 256 -2.02 2.65 -19.72
CA VAL A 256 -3.03 3.58 -20.22
C VAL A 256 -4.20 3.66 -19.23
N ASN A 257 -4.65 2.51 -18.74
CA ASN A 257 -5.74 2.50 -17.77
C ASN A 257 -5.34 3.23 -16.49
N THR A 258 -4.11 3.05 -16.06
CA THR A 258 -3.63 3.68 -14.83
C THR A 258 -3.67 5.21 -14.95
N ASN A 259 -3.13 5.70 -16.05
CA ASN A 259 -3.09 7.15 -16.29
C ASN A 259 -4.49 7.72 -16.39
N LEU A 260 -5.42 7.01 -17.06
CA LEU A 260 -6.75 7.56 -17.27
C LEU A 260 -7.57 7.53 -15.99
N ALA A 261 -7.33 6.52 -15.14
CA ALA A 261 -8.05 6.48 -13.87
C ALA A 261 -7.53 7.55 -12.92
N ALA A 262 -6.22 7.77 -12.90
CA ALA A 262 -5.68 8.87 -12.09
C ALA A 262 -6.26 10.20 -12.56
N ALA A 263 -6.29 10.39 -13.88
CA ALA A 263 -6.75 11.68 -14.40
C ALA A 263 -8.22 11.90 -14.09
N THR A 264 -9.05 10.89 -14.32
CA THR A 264 -10.48 11.10 -14.08
C THR A 264 -10.78 11.16 -12.60
N GLY A 265 -10.01 10.47 -11.76
CA GLY A 265 -10.21 10.58 -10.33
C GLY A 265 -9.87 11.97 -9.81
N GLY A 266 -8.79 12.55 -10.34
CA GLY A 266 -8.40 13.87 -9.89
C GLY A 266 -9.45 14.90 -10.25
N LEU A 267 -9.90 14.88 -11.52
CA LEU A 267 -10.89 15.85 -11.94
C LEU A 267 -12.21 15.62 -11.22
N THR A 268 -12.60 14.36 -11.00
CA THR A 268 -13.86 14.10 -10.30
C THR A 268 -13.85 14.62 -8.86
N TRP A 269 -12.80 14.31 -8.08
CA TRP A 269 -12.76 14.79 -6.70
C TRP A 269 -12.80 16.32 -6.65
N MET A 270 -12.04 16.98 -7.53
CA MET A 270 -12.08 18.44 -7.54
C MET A 270 -13.45 18.96 -7.92
N LEU A 271 -14.12 18.30 -8.88
CA LEU A 271 -15.47 18.73 -9.24
C LEU A 271 -16.46 18.50 -8.09
N VAL A 272 -16.34 17.36 -7.40
CA VAL A 272 -17.22 17.15 -6.24
C VAL A 272 -16.99 18.25 -5.20
N ASP A 273 -15.72 18.55 -4.91
CA ASP A 273 -15.44 19.59 -3.91
C ASP A 273 -16.00 20.93 -4.35
N TRP A 274 -15.94 21.20 -5.66
CA TRP A 274 -16.47 22.46 -6.18
C TRP A 274 -17.97 22.57 -5.95
N PHE A 275 -18.71 21.48 -6.21
CA PHE A 275 -20.14 21.49 -5.92
C PHE A 275 -20.40 21.62 -4.41
N ARG A 276 -19.61 20.90 -3.59
CA ARG A 276 -19.91 20.84 -2.16
C ARG A 276 -19.49 22.08 -1.38
N THR A 277 -18.51 22.83 -1.87
CA THR A 277 -18.08 24.08 -1.25
C THR A 277 -18.78 25.29 -1.84
N GLY A 278 -19.59 25.11 -2.87
CA GLY A 278 -20.20 26.25 -3.54
C GLY A 278 -19.21 27.07 -4.34
N GLY A 279 -18.30 26.42 -5.07
CA GLY A 279 -17.51 27.12 -6.05
C GLY A 279 -16.02 27.22 -5.78
N LYS A 280 -15.51 26.56 -4.75
CA LYS A 280 -14.07 26.62 -4.48
C LYS A 280 -13.35 25.51 -5.24
N TRP A 281 -12.09 25.78 -5.59
CA TRP A 281 -11.23 24.81 -6.26
C TRP A 281 -10.22 24.26 -5.25
N SER A 282 -10.29 22.96 -5.01
CA SER A 282 -9.63 22.31 -3.88
C SER A 282 -8.33 21.74 -4.41
N THR A 283 -7.20 22.36 -4.03
CA THR A 283 -5.91 21.83 -4.42
C THR A 283 -5.65 20.46 -3.80
N VAL A 284 -6.05 20.28 -2.53
CA VAL A 284 -5.88 18.96 -1.91
C VAL A 284 -6.76 17.93 -2.61
N GLY A 285 -7.98 18.33 -2.97
CA GLY A 285 -8.91 17.42 -3.60
C GLY A 285 -8.41 16.83 -4.90
N LEU A 286 -7.77 17.66 -5.74
CA LEU A 286 -7.26 17.13 -7.01
C LEU A 286 -6.25 16.00 -6.76
N CYS A 287 -5.35 16.21 -5.79
CA CYS A 287 -4.36 15.19 -5.48
C CYS A 287 -5.02 13.93 -4.89
N MET A 288 -5.92 14.10 -3.89
CA MET A 288 -6.56 12.92 -3.32
C MET A 288 -7.37 12.15 -4.36
N GLY A 289 -7.99 12.85 -5.31
CA GLY A 289 -8.75 12.16 -6.34
C GLY A 289 -7.85 11.39 -7.29
N ALA A 290 -6.67 11.94 -7.59
CA ALA A 290 -5.74 11.15 -8.42
C ALA A 290 -5.33 9.87 -7.71
N ILE A 291 -5.03 9.96 -6.42
CA ILE A 291 -4.71 8.76 -5.65
C ILE A 291 -5.90 7.81 -5.59
N ALA A 292 -7.12 8.35 -5.32
CA ALA A 292 -8.32 7.49 -5.35
C ALA A 292 -8.45 6.68 -6.65
N GLY A 293 -8.22 7.33 -7.78
CA GLY A 293 -8.28 6.63 -9.05
C GLY A 293 -7.16 5.61 -9.22
N LEU A 294 -5.95 5.95 -8.80
CA LEU A 294 -4.82 5.02 -8.83
C LEU A 294 -5.09 3.79 -7.99
N VAL A 295 -5.62 4.00 -6.75
CA VAL A 295 -5.99 2.88 -5.90
C VAL A 295 -7.10 2.08 -6.55
N GLY A 296 -8.12 2.79 -7.04
CA GLY A 296 -9.28 2.13 -7.63
C GLY A 296 -8.90 1.22 -8.79
N ILE A 297 -8.00 1.67 -9.66
CA ILE A 297 -7.67 0.87 -10.85
C ILE A 297 -6.67 -0.23 -10.55
N THR A 298 -6.02 -0.19 -9.38
CA THR A 298 -5.00 -1.19 -9.06
C THR A 298 -5.46 -2.65 -9.23
N PRO A 299 -6.62 -3.07 -8.67
CA PRO A 299 -7.03 -4.49 -8.88
C PRO A 299 -7.47 -4.79 -10.31
N ALA A 300 -7.67 -3.77 -11.14
CA ALA A 300 -8.39 -3.90 -12.39
C ALA A 300 -7.54 -3.63 -13.62
N ALA A 301 -6.33 -3.03 -13.48
CA ALA A 301 -5.71 -2.35 -14.61
C ALA A 301 -5.43 -3.29 -15.78
N GLY A 302 -5.02 -4.53 -15.50
CA GLY A 302 -4.78 -5.46 -16.60
C GLY A 302 -5.95 -6.31 -17.03
N TYR A 303 -7.18 -6.01 -16.54
CA TYR A 303 -8.35 -6.84 -16.79
C TYR A 303 -9.51 -6.10 -17.45
N VAL A 304 -9.56 -4.76 -17.38
CA VAL A 304 -10.76 -4.04 -17.80
C VAL A 304 -10.52 -3.28 -19.11
N PRO A 305 -11.55 -3.12 -19.93
CA PRO A 305 -11.40 -2.35 -21.18
C PRO A 305 -11.07 -0.88 -20.88
N VAL A 306 -10.26 -0.29 -21.75
CA VAL A 306 -9.75 1.06 -21.49
CA VAL A 306 -9.75 1.07 -21.50
C VAL A 306 -10.89 2.03 -21.19
N TYR A 307 -11.99 1.97 -21.95
CA TYR A 307 -13.06 2.93 -21.67
C TYR A 307 -13.66 2.76 -20.28
N THR A 308 -13.57 1.57 -19.67
CA THR A 308 -14.11 1.48 -18.30
C THR A 308 -13.15 2.06 -17.26
N SER A 309 -11.88 2.31 -17.60
CA SER A 309 -10.96 2.85 -16.59
CA SER A 309 -10.95 2.86 -16.61
C SER A 309 -11.43 4.20 -16.06
N VAL A 310 -12.21 4.95 -16.84
CA VAL A 310 -12.81 6.20 -16.38
CA VAL A 310 -12.75 6.21 -16.33
C VAL A 310 -13.67 5.98 -15.14
N ILE A 311 -14.37 4.85 -15.08
CA ILE A 311 -15.25 4.57 -13.94
CA ILE A 311 -15.25 4.55 -13.95
C ILE A 311 -14.44 4.27 -12.68
N PHE A 312 -13.23 3.73 -12.85
CA PHE A 312 -12.34 3.50 -11.72
C PHE A 312 -11.70 4.77 -11.20
N GLY A 313 -11.77 5.86 -11.96
CA GLY A 313 -11.47 7.19 -11.45
C GLY A 313 -12.71 7.82 -10.79
N ILE A 314 -13.83 7.85 -11.51
CA ILE A 314 -15.01 8.59 -11.06
C ILE A 314 -15.57 8.03 -9.75
N VAL A 315 -15.83 6.72 -9.71
CA VAL A 315 -16.63 6.19 -8.60
C VAL A 315 -15.76 6.15 -7.33
N PRO A 316 -14.51 5.70 -7.36
CA PRO A 316 -13.71 5.83 -6.13
C PRO A 316 -13.54 7.25 -5.68
N ALA A 317 -13.36 8.20 -6.61
CA ALA A 317 -13.21 9.59 -6.17
C ALA A 317 -14.47 10.10 -5.46
N ILE A 318 -15.66 9.76 -5.98
CA ILE A 318 -16.90 10.19 -5.32
C ILE A 318 -17.01 9.53 -3.94
N ILE A 319 -16.87 8.19 -3.87
CA ILE A 319 -17.17 7.51 -2.62
C ILE A 319 -16.13 7.87 -1.56
N CYS A 320 -14.85 7.96 -1.95
CA CYS A 320 -13.78 8.36 -1.03
C CYS A 320 -13.97 9.79 -0.53
N ASN A 321 -14.40 10.71 -1.40
CA ASN A 321 -14.60 12.10 -1.00
C ASN A 321 -15.62 12.16 0.13
N PHE A 322 -16.66 11.32 0.06
CA PHE A 322 -17.64 11.32 1.14
C PHE A 322 -17.16 10.52 2.36
N ALA A 323 -16.34 9.50 2.12
CA ALA A 323 -15.75 8.75 3.22
C ALA A 323 -14.92 9.64 4.14
N VAL A 324 -14.20 10.61 3.57
CA VAL A 324 -13.36 11.47 4.40
C VAL A 324 -14.23 12.19 5.42
N ASP A 325 -15.49 12.43 5.07
CA ASP A 325 -16.41 13.10 5.98
C ASP A 325 -16.68 12.30 7.24
N LEU A 326 -16.46 10.99 7.22
CA LEU A 326 -16.70 10.20 8.42
C LEU A 326 -15.74 10.59 9.56
N LYS A 327 -14.61 11.23 9.23
CA LYS A 327 -13.74 11.76 10.28
C LYS A 327 -14.50 12.75 11.17
N ASP A 328 -15.44 13.48 10.60
CA ASP A 328 -16.18 14.43 11.41
C ASP A 328 -17.30 13.78 12.22
N LEU A 329 -17.89 12.69 11.72
CA LEU A 329 -18.89 12.00 12.51
C LEU A 329 -18.24 11.29 13.70
N LEU A 330 -17.04 10.75 13.52
CA LEU A 330 -16.33 10.08 14.59
C LEU A 330 -15.51 11.04 15.43
N GLN A 331 -15.17 12.21 14.89
CA GLN A 331 -14.28 13.16 15.54
C GLN A 331 -12.92 12.52 15.79
N ILE A 332 -12.45 11.76 14.81
CA ILE A 332 -11.11 11.20 14.82
C ILE A 332 -10.43 11.58 13.52
N ASP A 333 -9.18 12.03 13.63
CA ASP A 333 -8.34 12.33 12.48
C ASP A 333 -7.24 11.31 12.25
N ASP A 334 -6.60 10.85 13.31
CA ASP A 334 -5.42 9.99 13.18
C ASP A 334 -5.74 8.71 12.44
N GLY A 335 -4.95 8.44 11.39
CA GLY A 335 -5.07 7.23 10.61
C GLY A 335 -6.16 7.24 9.56
N MET A 336 -7.08 8.21 9.59
CA MET A 336 -8.31 8.12 8.80
C MET A 336 -8.13 8.50 7.33
N ASP A 337 -7.17 9.38 6.99
CA ASP A 337 -6.91 9.62 5.57
C ASP A 337 -6.40 8.38 4.85
N VAL A 338 -5.51 7.60 5.47
CA VAL A 338 -5.06 6.36 4.84
C VAL A 338 -6.24 5.38 4.69
N TRP A 339 -7.08 5.27 5.73
CA TRP A 339 -8.28 4.43 5.62
C TRP A 339 -9.17 4.89 4.45
N ALA A 340 -9.44 6.19 4.36
CA ALA A 340 -10.42 6.67 3.39
C ALA A 340 -9.97 6.43 1.95
N LEU A 341 -8.68 6.66 1.64
CA LEU A 341 -8.23 6.45 0.27
C LEU A 341 -7.95 4.97 0.00
N HIS A 342 -7.29 4.26 0.93
CA HIS A 342 -6.81 2.94 0.58
C HIS A 342 -7.82 1.85 0.92
N CYS A 343 -8.51 1.94 2.06
CA CYS A 343 -9.52 0.93 2.34
C CYS A 343 -10.71 1.14 1.44
N VAL A 344 -11.25 2.36 1.43
CA VAL A 344 -12.47 2.57 0.69
C VAL A 344 -12.20 2.55 -0.79
N GLY A 345 -11.11 3.21 -1.22
CA GLY A 345 -10.76 3.12 -2.64
C GLY A 345 -10.45 1.70 -3.08
N GLY A 346 -9.77 0.93 -2.23
CA GLY A 346 -9.40 -0.43 -2.62
C GLY A 346 -10.59 -1.36 -2.67
N PHE A 347 -11.54 -1.17 -1.75
CA PHE A 347 -12.76 -1.98 -1.73
C PHE A 347 -13.61 -1.69 -2.98
N VAL A 348 -13.78 -0.42 -3.31
CA VAL A 348 -14.58 -0.05 -4.46
C VAL A 348 -13.95 -0.60 -5.74
N GLY A 349 -12.63 -0.47 -5.85
CA GLY A 349 -11.97 -0.95 -7.05
C GLY A 349 -12.07 -2.47 -7.18
N ASN A 350 -11.88 -3.17 -6.06
CA ASN A 350 -11.98 -4.62 -6.06
C ASN A 350 -13.38 -5.08 -6.46
N PHE A 351 -14.41 -4.43 -5.90
CA PHE A 351 -15.80 -4.75 -6.28
C PHE A 351 -16.03 -4.51 -7.76
N MET A 352 -15.59 -3.35 -8.27
CA MET A 352 -15.87 -3.02 -9.66
CA MET A 352 -15.86 -3.00 -9.66
C MET A 352 -15.05 -3.87 -10.62
N THR A 353 -13.95 -4.46 -10.15
CA THR A 353 -13.23 -5.40 -11.00
C THR A 353 -14.12 -6.59 -11.34
N GLY A 354 -14.97 -7.03 -10.38
CA GLY A 354 -15.88 -8.13 -10.70
C GLY A 354 -16.92 -7.77 -11.71
N LEU A 355 -17.20 -6.48 -11.87
CA LEU A 355 -18.17 -6.04 -12.87
C LEU A 355 -17.54 -5.94 -14.26
N PHE A 356 -16.34 -5.35 -14.33
CA PHE A 356 -15.81 -4.91 -15.61
C PHE A 356 -14.68 -5.79 -16.15
N ALA A 357 -14.19 -6.77 -15.40
CA ALA A 357 -13.11 -7.60 -15.92
C ALA A 357 -13.54 -8.30 -17.21
N ALA A 358 -12.62 -8.39 -18.18
CA ALA A 358 -12.99 -8.93 -19.50
C ALA A 358 -11.96 -9.96 -19.95
N ASP A 359 -12.45 -11.13 -20.41
CA ASP A 359 -11.50 -12.18 -20.79
C ASP A 359 -10.60 -11.75 -21.95
N TYR A 360 -11.12 -10.93 -22.87
CA TYR A 360 -10.32 -10.46 -24.00
C TYR A 360 -9.26 -9.45 -23.62
N VAL A 361 -9.38 -8.79 -22.48
CA VAL A 361 -8.28 -7.94 -22.03
C VAL A 361 -7.18 -8.79 -21.43
N ALA A 362 -7.54 -9.68 -20.50
CA ALA A 362 -6.54 -10.58 -19.94
C ALA A 362 -5.80 -11.36 -21.03
N MET A 363 -6.51 -11.78 -22.10
CA MET A 363 -5.91 -12.58 -23.16
CA MET A 363 -5.91 -12.58 -23.16
C MET A 363 -4.95 -11.79 -24.04
N ILE A 364 -4.82 -10.47 -23.83
CA ILE A 364 -3.82 -9.73 -24.59
C ILE A 364 -2.43 -10.38 -24.45
N ASP A 365 -2.12 -10.95 -23.28
CA ASP A 365 -0.84 -11.64 -23.14
C ASP A 365 -1.01 -13.11 -22.81
N GLY A 366 -2.16 -13.68 -23.16
CA GLY A 366 -2.38 -15.08 -22.97
C GLY A 366 -2.93 -15.46 -21.61
N THR A 367 -3.25 -14.49 -20.78
CA THR A 367 -3.73 -14.77 -19.43
C THR A 367 -5.19 -15.18 -19.52
N GLU A 368 -5.56 -16.30 -18.88
CA GLU A 368 -6.88 -16.90 -19.03
C GLU A 368 -7.72 -16.64 -17.77
N ILE A 369 -8.84 -15.93 -17.94
CA ILE A 369 -9.77 -15.69 -16.84
C ILE A 369 -11.19 -15.90 -17.35
N ASP A 370 -12.10 -16.23 -16.42
CA ASP A 370 -13.52 -16.32 -16.77
C ASP A 370 -14.12 -14.95 -17.06
N GLY A 371 -13.56 -13.88 -16.45
CA GLY A 371 -14.05 -12.52 -16.64
C GLY A 371 -15.07 -12.11 -15.60
N GLY A 372 -15.65 -10.94 -15.83
CA GLY A 372 -16.59 -10.38 -14.88
C GLY A 372 -18.00 -10.33 -15.45
N TRP A 373 -18.83 -9.40 -14.98
CA TRP A 373 -20.15 -9.22 -15.56
C TRP A 373 -20.10 -8.85 -17.04
N MET A 374 -19.02 -8.22 -17.46
CA MET A 374 -18.77 -7.95 -18.88
C MET A 374 -18.87 -9.23 -19.71
N ASN A 375 -18.46 -10.37 -19.15
CA ASN A 375 -18.65 -11.67 -19.77
C ASN A 375 -19.85 -12.44 -19.18
N HIS A 376 -20.76 -11.73 -18.52
CA HIS A 376 -21.89 -12.34 -17.79
C HIS A 376 -21.45 -13.47 -16.87
N HIS A 377 -20.22 -13.36 -16.36
CA HIS A 377 -19.73 -14.27 -15.34
C HIS A 377 -20.14 -13.69 -13.99
N TRP A 378 -21.42 -13.92 -13.65
CA TRP A 378 -22.05 -13.25 -12.51
C TRP A 378 -21.37 -13.60 -11.20
N LYS A 379 -20.98 -14.86 -11.02
CA LYS A 379 -20.30 -15.29 -9.79
C LYS A 379 -19.03 -14.50 -9.46
N GLN A 380 -18.43 -13.80 -10.44
CA GLN A 380 -17.17 -13.11 -10.16
C GLN A 380 -17.32 -12.08 -9.04
N LEU A 381 -18.45 -11.39 -9.00
CA LEU A 381 -18.64 -10.37 -7.97
C LEU A 381 -18.57 -10.96 -6.57
N GLY A 382 -19.13 -12.16 -6.36
CA GLY A 382 -19.02 -12.80 -5.06
C GLY A 382 -17.60 -13.22 -4.72
N TYR A 383 -16.80 -13.65 -5.71
CA TYR A 383 -15.40 -13.94 -5.43
C TYR A 383 -14.67 -12.67 -4.99
N GLN A 384 -14.99 -11.54 -5.62
CA GLN A 384 -14.34 -10.29 -5.20
C GLN A 384 -14.69 -9.96 -3.75
N LEU A 385 -15.98 -10.09 -3.40
CA LEU A 385 -16.44 -9.79 -2.04
C LEU A 385 -15.82 -10.73 -1.02
N ALA A 386 -15.67 -12.01 -1.39
CA ALA A 386 -14.97 -12.94 -0.52
C ALA A 386 -13.56 -12.46 -0.24
N GLY A 387 -12.86 -11.98 -1.28
CA GLY A 387 -11.53 -11.43 -1.09
C GLY A 387 -11.52 -10.27 -0.13
N SER A 388 -12.40 -9.29 -0.36
CA SER A 388 -12.43 -8.09 0.47
CA SER A 388 -12.37 -8.10 0.48
C SER A 388 -12.76 -8.42 1.92
N CYS A 389 -13.68 -9.36 2.13
CA CYS A 389 -14.06 -9.69 3.49
C CYS A 389 -12.94 -10.38 4.24
N ALA A 390 -12.21 -11.27 3.56
CA ALA A 390 -11.07 -11.93 4.19
C ALA A 390 -9.99 -10.93 4.56
N VAL A 391 -9.67 -10.02 3.64
CA VAL A 391 -8.67 -9.00 3.93
C VAL A 391 -9.10 -8.17 5.14
N ALA A 392 -10.35 -7.70 5.11
CA ALA A 392 -10.82 -6.84 6.19
C ALA A 392 -10.77 -7.58 7.52
N ALA A 393 -11.22 -8.85 7.56
CA ALA A 393 -11.28 -9.56 8.84
C ALA A 393 -9.88 -9.76 9.40
N TRP A 394 -8.95 -10.22 8.56
CA TRP A 394 -7.59 -10.47 9.00
C TRP A 394 -6.86 -9.18 9.35
N SER A 395 -6.86 -8.21 8.43
CA SER A 395 -6.08 -7.00 8.67
C SER A 395 -6.59 -6.25 9.90
N PHE A 396 -7.90 -6.03 10.00
CA PHE A 396 -8.39 -5.28 11.15
C PHE A 396 -8.17 -6.03 12.45
N THR A 397 -8.46 -7.32 12.47
CA THR A 397 -8.43 -8.04 13.74
C THR A 397 -7.00 -8.23 14.22
N VAL A 398 -6.11 -8.65 13.33
CA VAL A 398 -4.75 -8.93 13.77
C VAL A 398 -4.00 -7.63 14.02
N THR A 399 -4.27 -6.59 13.22
CA THR A 399 -3.63 -5.30 13.54
C THR A 399 -4.08 -4.81 14.93
N SER A 400 -5.37 -4.94 15.24
CA SER A 400 -5.85 -4.56 16.58
C SER A 400 -5.09 -5.31 17.68
N ILE A 401 -4.91 -6.61 17.50
CA ILE A 401 -4.23 -7.44 18.50
C ILE A 401 -2.81 -6.96 18.71
N ILE A 402 -2.09 -6.68 17.61
CA ILE A 402 -0.70 -6.25 17.70
C ILE A 402 -0.61 -4.93 18.45
N LEU A 403 -1.48 -3.97 18.06
CA LEU A 403 -1.41 -2.65 18.66
C LEU A 403 -1.70 -2.72 20.15
N LEU A 404 -2.65 -3.56 20.54
CA LEU A 404 -3.01 -3.67 21.94
C LEU A 404 -2.03 -4.52 22.75
N ALA A 405 -1.42 -5.55 22.16
CA ALA A 405 -0.39 -6.30 22.88
C ALA A 405 0.86 -5.45 23.12
N MET A 406 1.25 -4.63 22.13
CA MET A 406 2.37 -3.71 22.33
C MET A 406 2.00 -2.59 23.29
N ASP A 407 0.74 -2.17 23.27
CA ASP A 407 0.33 -1.09 24.16
C ASP A 407 0.45 -1.51 25.62
N ARG A 408 0.28 -2.79 25.91
CA ARG A 408 0.33 -3.30 27.27
C ARG A 408 1.75 -3.57 27.76
N ILE A 409 2.71 -3.59 26.84
CA ILE A 409 4.13 -3.77 27.16
C ILE A 409 4.77 -2.39 27.16
N PRO A 410 5.38 -1.96 28.26
CA PRO A 410 5.73 -0.54 28.39
C PRO A 410 6.77 -0.05 27.40
N PHE A 411 7.81 -0.84 27.10
CA PHE A 411 8.82 -0.38 26.17
C PHE A 411 8.47 -0.65 24.71
N LEU A 412 7.38 -1.36 24.45
CA LEU A 412 6.91 -1.54 23.09
C LEU A 412 5.69 -0.72 22.75
N ARG A 413 5.09 -0.04 23.74
CA ARG A 413 3.94 0.83 23.49
C ARG A 413 4.28 1.85 22.40
N ILE A 414 3.49 1.82 21.31
CA ILE A 414 3.80 2.62 20.12
C ILE A 414 3.50 4.07 20.37
N ARG A 415 2.41 4.34 21.09
CA ARG A 415 1.96 5.68 21.37
C ARG A 415 1.70 5.78 22.85
N LEU A 416 2.45 6.64 23.53
CA LEU A 416 2.28 6.89 24.96
C LEU A 416 0.89 7.46 25.21
N HIS A 417 0.33 7.15 26.37
CA HIS A 417 -0.94 7.76 26.68
C HIS A 417 -0.74 9.26 26.97
N GLU A 418 -1.77 10.06 26.69
CA GLU A 418 -1.68 11.50 26.89
C GLU A 418 -1.19 11.89 28.28
N ASP A 419 -1.55 11.13 29.31
CA ASP A 419 -1.17 11.53 30.66
C ASP A 419 0.27 11.18 31.03
N GLU A 420 0.99 10.44 30.18
CA GLU A 420 2.31 9.97 30.59
C GLU A 420 3.45 10.60 29.80
N GLU A 421 3.17 11.38 28.77
CA GLU A 421 4.23 11.97 27.96
C GLU A 421 4.44 13.42 28.36
N MET A 422 5.67 13.88 28.17
CA MET A 422 6.00 15.25 28.50
C MET A 422 5.84 16.15 27.28
N LEU A 423 5.54 17.42 27.55
CA LEU A 423 5.34 18.41 26.50
C LEU A 423 6.68 18.88 25.97
N GLY A 424 6.79 19.01 24.64
CA GLY A 424 8.01 19.50 24.04
C GLY A 424 8.45 20.83 24.60
N THR A 425 7.50 21.68 24.98
CA THR A 425 7.86 22.98 25.55
C THR A 425 8.48 22.85 26.94
N ASP A 426 8.05 21.86 27.73
CA ASP A 426 8.68 21.62 29.03
C ASP A 426 9.95 20.80 28.91
N LEU A 427 10.03 19.90 27.93
CA LEU A 427 11.29 19.24 27.63
C LEU A 427 12.35 20.25 27.25
N ALA A 428 11.97 21.25 26.44
CA ALA A 428 12.91 22.26 26.02
C ALA A 428 13.50 23.02 27.21
N GLN A 429 12.77 23.07 28.33
CA GLN A 429 13.24 23.72 29.55
C GLN A 429 14.16 22.83 30.38
N ILE A 430 14.36 21.58 29.98
CA ILE A 430 15.31 20.70 30.64
C ILE A 430 16.57 20.64 29.78
N GLY A 431 17.72 20.53 30.42
CA GLY A 431 18.99 20.54 29.72
C GLY A 431 19.32 19.25 28.99
N GLU A 432 19.02 18.10 29.61
CA GLU A 432 19.25 16.80 28.99
C GLU A 432 18.21 16.49 27.90
N TYR A 433 17.29 17.41 27.64
CA TYR A 433 16.28 17.27 26.60
C TYR A 433 16.03 18.60 25.91
N ALA A 434 17.06 19.45 25.82
CA ALA A 434 16.87 20.82 25.36
C ALA A 434 16.56 20.90 23.87
N TYR A 435 16.90 19.86 23.10
CA TYR A 435 16.75 19.91 21.65
C TYR A 435 15.30 19.90 21.20
N TYR A 436 14.36 19.60 22.09
CA TYR A 436 12.94 19.74 21.79
C TYR A 436 12.52 21.20 21.59
N ALA A 437 13.41 22.15 21.93
CA ALA A 437 13.14 23.56 21.63
C ALA A 437 12.88 23.77 20.14
N ASP A 438 13.59 23.03 19.29
CA ASP A 438 13.38 23.09 17.85
C ASP A 438 12.33 22.04 17.49
N ASP A 439 11.10 22.50 17.22
CA ASP A 439 9.96 21.66 16.89
C ASP A 439 9.71 21.57 15.39
N ASP A 440 10.72 21.88 14.57
CA ASP A 440 10.64 21.92 13.11
C ASP A 440 11.63 20.93 12.51
N PRO A 441 11.17 19.85 11.86
CA PRO A 441 12.11 18.78 11.45
C PRO A 441 13.02 19.12 10.28
N GLU A 442 13.23 20.41 9.98
CA GLU A 442 14.06 20.84 8.87
C GLU A 442 15.51 21.15 9.26
N THR A 443 15.76 21.57 10.51
CA THR A 443 17.12 21.78 10.99
C THR A 443 17.47 20.89 12.17
N ASN A 444 16.51 20.14 12.72
CA ASN A 444 16.75 19.34 13.93
C ASN A 444 17.37 18.01 13.55
N PRO A 445 18.57 17.69 14.02
CA PRO A 445 19.16 16.39 13.67
C PRO A 445 18.55 15.22 14.44
N TYR A 446 17.59 15.46 15.35
CA TYR A 446 17.05 14.37 16.13
C TYR A 446 15.53 14.33 16.03
N VAL A 447 15.00 13.10 15.96
CA VAL A 447 13.57 12.89 16.02
C VAL A 447 13.06 13.39 17.38
N LEU A 448 12.00 14.18 17.34
CA LEU A 448 11.41 14.67 18.59
C LEU A 448 10.52 13.57 19.17
N GLU A 449 11.20 12.55 19.70
CA GLU A 449 10.58 11.35 20.21
C GLU A 449 9.74 11.66 21.46
N PRO A 450 8.56 11.03 21.61
CA PRO A 450 7.82 11.14 22.87
C PRO A 450 8.63 10.60 24.04
N ILE A 451 8.61 11.33 25.15
CA ILE A 451 9.39 11.00 26.33
C ILE A 451 8.40 10.80 27.47
N ARG A 452 8.54 9.70 28.20
CA ARG A 452 7.71 9.47 29.36
C ARG A 452 8.05 10.46 30.46
N SER A 453 7.02 11.04 31.07
CA SER A 453 7.22 12.05 32.09
C SER A 453 7.64 11.41 33.42
N THR A 454 8.13 10.17 33.37
CA THR A 454 8.67 9.49 34.53
C THR A 454 10.18 9.58 34.63
N THR A 455 10.84 10.20 33.64
CA THR A 455 12.28 10.40 33.68
C THR A 455 12.63 11.85 33.41
#